data_9MXW
#
_entry.id   9MXW
#
_cell.length_a   110.830
_cell.length_b   110.830
_cell.length_c   72.410
_cell.angle_alpha   90.000
_cell.angle_beta   90.000
_cell.angle_gamma   120.000
#
_symmetry.space_group_name_H-M   'P 32 2 1'
#
loop_
_entity.id
_entity.type
_entity.pdbx_description
1 polymer 'de novo protein with intramolecular isopeptide bond dnIPB-1'
2 non-polymer 'SULFATE ION'
3 water water
#
_entity_poly.entity_id   1
_entity_poly.type   'polypeptide(L)'
_entity_poly.pdbx_seq_one_letter_code
;SAGGTGEPKVYAPVTTGADGKLSLSVGGYKKTFTKVDAATKAPLAGAVFQVVEKDGDITLYELSSPAGYVPVTNKPIYNI
STGEAFDSAAASVVKEDGQYYITNTAALAAA
;
_entity_poly.pdbx_strand_id   A,B,C
#
# COMPACT_ATOMS: atom_id res chain seq x y z
N GLY A 6 -14.72 15.13 -1.46
CA GLY A 6 -14.45 16.30 -2.28
C GLY A 6 -13.27 16.09 -3.23
N GLU A 7 -12.34 17.03 -3.23
N GLU A 7 -12.33 17.04 -3.23
CA GLU A 7 -11.15 16.98 -4.07
CA GLU A 7 -11.14 16.99 -4.06
C GLU A 7 -9.92 16.83 -3.17
C GLU A 7 -9.92 16.83 -3.17
N PRO A 8 -9.53 15.61 -2.81
CA PRO A 8 -8.34 15.44 -1.96
C PRO A 8 -7.09 15.14 -2.77
N LYS A 9 -6.07 15.98 -2.62
CA LYS A 9 -4.80 15.76 -3.29
C LYS A 9 -3.94 14.86 -2.41
N VAL A 10 -3.77 13.61 -2.83
CA VAL A 10 -2.98 12.63 -2.08
C VAL A 10 -1.54 12.71 -2.56
N TYR A 11 -0.64 13.12 -1.67
CA TYR A 11 0.78 13.20 -2.03
C TYR A 11 1.40 11.81 -2.11
N ALA A 12 2.58 11.74 -2.71
CA ALA A 12 3.24 10.47 -2.91
C ALA A 12 3.70 9.89 -1.56
N PRO A 13 3.86 8.58 -1.47
CA PRO A 13 4.37 7.98 -0.23
C PRO A 13 5.78 8.46 0.06
N VAL A 14 6.07 8.66 1.35
CA VAL A 14 7.32 9.27 1.79
C VAL A 14 7.92 8.40 2.88
N THR A 15 9.17 7.96 2.67
CA THR A 15 9.89 7.14 3.64
C THR A 15 11.06 7.92 4.21
N THR A 16 11.35 7.69 5.49
CA THR A 16 12.42 8.38 6.18
C THR A 16 13.73 7.63 6.03
N GLY A 17 14.80 8.38 5.81
CA GLY A 17 16.12 7.81 5.65
C GLY A 17 16.79 7.51 6.98
N ALA A 18 18.09 7.24 6.91
CA ALA A 18 18.84 6.89 8.11
C ALA A 18 18.90 8.04 9.10
N ASP A 19 18.77 9.28 8.61
CA ASP A 19 18.74 10.43 9.52
C ASP A 19 17.43 10.53 10.28
N GLY A 20 16.39 9.83 9.82
CA GLY A 20 15.09 9.91 10.45
C GLY A 20 14.33 11.19 10.23
N LYS A 21 14.87 12.12 9.44
CA LYS A 21 14.22 13.42 9.26
C LYS A 21 13.00 13.29 8.34
N LEU A 22 12.07 14.22 8.52
CA LEU A 22 10.86 14.28 7.69
C LEU A 22 10.52 15.76 7.49
N SER A 23 10.90 16.31 6.35
CA SER A 23 10.65 17.71 6.03
C SER A 23 9.34 17.82 5.27
N LEU A 24 8.33 18.41 5.90
CA LEU A 24 7.00 18.58 5.32
C LEU A 24 6.81 20.06 4.98
N SER A 25 6.99 20.38 3.69
CA SER A 25 6.78 21.74 3.18
C SER A 25 5.60 21.68 2.21
N VAL A 26 4.39 21.71 2.76
CA VAL A 26 3.16 21.62 1.98
C VAL A 26 2.34 22.87 2.26
N GLY A 27 1.91 23.54 1.19
CA GLY A 27 1.11 24.74 1.35
C GLY A 27 1.94 25.88 1.93
N GLY A 28 1.40 26.52 2.95
CA GLY A 28 2.11 27.60 3.61
C GLY A 28 2.66 27.19 4.97
N TYR A 29 2.81 25.89 5.18
CA TYR A 29 3.29 25.34 6.43
C TYR A 29 4.57 24.55 6.18
N LYS A 30 5.56 24.72 7.06
CA LYS A 30 6.84 24.06 6.94
C LYS A 30 7.26 23.53 8.31
N LYS A 31 7.64 22.25 8.36
CA LYS A 31 8.00 21.63 9.62
C LYS A 31 8.87 20.42 9.34
N THR A 32 9.79 20.14 10.27
CA THR A 32 10.71 19.02 10.18
C THR A 32 10.59 18.15 11.41
N PHE A 33 10.37 16.85 11.21
CA PHE A 33 10.27 15.90 12.29
C PHE A 33 11.55 15.05 12.37
N THR A 34 11.55 14.09 13.29
CA THR A 34 12.69 13.18 13.42
C THR A 34 12.17 11.89 14.06
N LYS A 35 12.01 10.85 13.23
CA LYS A 35 11.54 9.56 13.74
C LYS A 35 12.65 8.89 14.54
N VAL A 36 12.37 8.62 15.82
CA VAL A 36 13.35 8.03 16.72
C VAL A 36 12.67 6.95 17.54
N ASP A 37 13.50 6.10 18.15
CA ASP A 37 13.03 5.09 19.09
C ASP A 37 12.73 5.74 20.43
N ALA A 38 11.71 5.24 21.11
CA ALA A 38 11.30 5.84 22.38
C ALA A 38 12.38 5.67 23.44
N ALA A 39 13.05 4.52 23.46
CA ALA A 39 13.98 4.24 24.55
C ALA A 39 15.37 4.78 24.24
N THR A 40 15.80 4.72 22.97
CA THR A 40 17.16 5.08 22.61
C THR A 40 17.29 6.43 21.93
N LYS A 41 16.19 7.01 21.43
CA LYS A 41 16.18 8.29 20.73
C LYS A 41 17.07 8.27 19.48
N ALA A 42 17.43 7.08 18.99
CA ALA A 42 18.23 6.98 17.78
C ALA A 42 17.33 7.14 16.54
N PRO A 43 17.83 7.79 15.49
CA PRO A 43 17.01 7.98 14.29
C PRO A 43 16.57 6.66 13.68
N LEU A 44 15.39 6.68 13.05
CA LEU A 44 14.80 5.49 12.47
C LEU A 44 14.60 5.67 10.98
N ALA A 45 14.71 4.58 10.24
CA ALA A 45 14.55 4.57 8.80
C ALA A 45 13.55 3.49 8.41
N GLY A 46 12.67 3.83 7.47
CA GLY A 46 11.68 2.89 6.98
C GLY A 46 10.25 3.21 7.35
N ALA A 47 9.98 4.38 7.93
CA ALA A 47 8.62 4.77 8.28
C ALA A 47 7.97 5.46 7.08
N VAL A 48 6.82 4.94 6.65
CA VAL A 48 6.13 5.46 5.48
C VAL A 48 5.13 6.53 5.93
N PHE A 49 5.21 7.70 5.31
CA PHE A 49 4.30 8.79 5.60
C PHE A 49 3.65 9.27 4.31
N GLN A 50 2.53 9.97 4.46
N GLN A 50 2.51 9.94 4.45
CA GLN A 50 1.77 10.47 3.32
CA GLN A 50 1.81 10.50 3.31
C GLN A 50 0.90 11.63 3.77
C GLN A 50 0.96 11.67 3.79
N VAL A 51 0.71 12.60 2.87
CA VAL A 51 -0.08 13.79 3.14
C VAL A 51 -1.21 13.86 2.13
N VAL A 52 -2.43 14.09 2.62
CA VAL A 52 -3.61 14.24 1.79
C VAL A 52 -4.26 15.58 2.12
N GLU A 53 -4.81 16.23 1.11
CA GLU A 53 -5.48 17.52 1.28
C GLU A 53 -7.00 17.31 1.34
N LYS A 54 -7.43 16.65 2.40
CA LYS A 54 -8.85 16.41 2.64
C LYS A 54 -9.54 17.73 2.98
N ASP A 55 -10.38 18.21 2.06
CA ASP A 55 -11.06 19.50 2.21
C ASP A 55 -10.05 20.61 2.45
N GLY A 56 -10.10 21.22 3.63
CA GLY A 56 -9.15 22.26 3.99
C GLY A 56 -8.12 21.78 4.99
N ASP A 57 -8.41 20.66 5.66
CA ASP A 57 -7.50 20.12 6.66
C ASP A 57 -6.36 19.36 5.99
N ILE A 58 -5.15 19.56 6.50
CA ILE A 58 -3.95 18.87 6.02
C ILE A 58 -3.48 17.96 7.15
N THR A 59 -3.46 16.66 6.87
CA THR A 59 -3.13 15.65 7.87
C THR A 59 -1.95 14.81 7.44
N LEU A 60 -1.15 14.39 8.41
CA LEU A 60 0.01 13.54 8.19
C LEU A 60 -0.27 12.17 8.78
N TYR A 61 -0.16 11.13 7.95
CA TYR A 61 -0.39 9.76 8.38
C TYR A 61 0.94 9.00 8.39
N GLU A 62 1.02 8.00 9.27
CA GLU A 62 2.13 7.06 9.30
C GLU A 62 1.60 5.73 8.75
N LEU A 63 1.83 5.50 7.46
CA LEU A 63 1.30 4.30 6.82
C LEU A 63 1.95 3.03 7.36
N SER A 64 3.22 3.11 7.73
CA SER A 64 3.95 1.95 8.22
C SER A 64 5.03 2.40 9.19
N SER A 65 5.17 1.66 10.28
CA SER A 65 6.23 1.91 11.24
C SER A 65 7.52 1.25 10.77
N PRO A 66 8.68 1.72 11.23
CA PRO A 66 9.94 1.11 10.82
C PRO A 66 10.03 -0.35 11.22
N ALA A 67 10.97 -1.05 10.58
CA ALA A 67 11.14 -2.48 10.83
C ALA A 67 11.57 -2.73 12.27
N GLY A 68 11.03 -3.80 12.86
CA GLY A 68 11.35 -4.15 14.23
C GLY A 68 10.66 -3.32 15.28
N TYR A 69 9.68 -2.50 14.91
CA TYR A 69 8.96 -1.65 15.85
C TYR A 69 7.48 -1.99 15.80
N VAL A 70 6.75 -1.50 16.81
CA VAL A 70 5.31 -1.78 16.92
C VAL A 70 4.60 -1.21 15.70
N PRO A 71 3.78 -2.00 15.00
CA PRO A 71 3.18 -1.51 13.75
C PRO A 71 2.22 -0.35 13.99
N VAL A 72 2.41 0.72 13.23
CA VAL A 72 1.51 1.87 13.21
C VAL A 72 0.93 1.92 11.81
N THR A 73 -0.32 1.49 11.65
CA THR A 73 -0.91 1.24 10.35
C THR A 73 -1.89 2.37 10.00
N ASN A 74 -1.46 3.25 9.09
CA ASN A 74 -2.34 4.26 8.49
C ASN A 74 -3.03 5.11 9.55
N LYS A 75 -2.28 5.51 10.56
CA LYS A 75 -2.94 6.30 11.59
C LYS A 75 -2.59 7.79 11.44
N PRO A 76 -3.56 8.67 11.65
CA PRO A 76 -3.25 10.12 11.64
C PRO A 76 -2.37 10.49 12.81
N ILE A 77 -1.30 11.21 12.52
CA ILE A 77 -0.29 11.56 13.51
C ILE A 77 -0.27 13.05 13.81
N TYR A 78 -0.42 13.89 12.79
CA TYR A 78 -0.27 15.32 12.96
C TYR A 78 -1.14 16.05 11.94
N ASN A 79 -1.85 17.07 12.41
CA ASN A 79 -2.69 17.90 11.55
C ASN A 79 -1.88 19.15 11.19
N ILE A 80 -1.44 19.22 9.93
CA ILE A 80 -0.58 20.31 9.51
C ILE A 80 -1.36 21.62 9.39
N SER A 81 -2.63 21.56 8.99
CA SER A 81 -3.40 22.77 8.78
C SER A 81 -3.71 23.48 10.10
N THR A 82 -3.96 22.71 11.17
CA THR A 82 -4.31 23.28 12.46
C THR A 82 -3.10 23.59 13.32
N GLY A 83 -1.93 23.78 12.72
CA GLY A 83 -0.76 24.12 13.50
C GLY A 83 -0.29 22.96 14.34
N GLU A 84 0.12 23.26 15.59
CA GLU A 84 0.61 22.24 16.50
C GLU A 84 -0.50 21.35 17.05
N ALA A 85 -1.75 21.52 16.61
CA ALA A 85 -2.86 20.71 17.09
C ALA A 85 -2.82 19.36 16.37
N PHE A 86 -1.96 18.48 16.86
CA PHE A 86 -1.88 17.13 16.33
C PHE A 86 -3.15 16.35 16.68
N ASP A 87 -3.40 15.30 15.90
CA ASP A 87 -4.65 14.55 16.03
C ASP A 87 -4.83 13.93 17.42
N SER A 88 -3.73 13.70 18.14
CA SER A 88 -3.74 13.27 19.54
C SER A 88 -4.45 11.94 19.76
N ALA A 89 -4.73 11.18 18.71
CA ALA A 89 -5.23 9.82 18.91
C ALA A 89 -4.16 8.96 19.58
N ALA A 90 -2.90 9.17 19.21
CA ALA A 90 -1.76 8.56 19.90
C ALA A 90 -0.67 9.62 19.97
N ALA A 91 -0.39 10.10 21.20
CA ALA A 91 0.54 11.22 21.39
C ALA A 91 1.98 10.76 21.22
N SER A 92 2.29 10.29 20.01
CA SER A 92 3.65 9.90 19.66
C SER A 92 4.52 11.09 19.30
N VAL A 93 3.93 12.25 19.03
CA VAL A 93 4.70 13.46 18.76
C VAL A 93 5.14 14.09 20.07
N VAL A 94 6.40 14.49 20.14
CA VAL A 94 6.97 15.06 21.34
C VAL A 94 7.93 16.19 20.96
N LYS A 95 7.99 17.21 21.82
CA LYS A 95 8.88 18.34 21.64
C LYS A 95 9.97 18.28 22.71
N GLU A 96 11.22 18.49 22.29
CA GLU A 96 12.35 18.44 23.20
C GLU A 96 13.49 19.25 22.60
N ASP A 97 14.05 20.17 23.38
CA ASP A 97 15.16 21.03 22.95
C ASP A 97 14.76 21.84 21.72
N GLY A 98 13.49 22.24 21.65
CA GLY A 98 13.01 23.00 20.51
C GLY A 98 12.89 22.23 19.22
N GLN A 99 12.96 20.90 19.27
CA GLN A 99 12.86 20.07 18.09
C GLN A 99 11.64 19.16 18.20
N TYR A 100 11.20 18.65 17.05
CA TYR A 100 10.03 17.79 16.98
C TYR A 100 10.44 16.38 16.62
N TYR A 101 9.84 15.39 17.28
CA TYR A 101 10.21 13.99 17.11
C TYR A 101 8.97 13.14 17.00
N ILE A 102 8.95 12.23 16.03
CA ILE A 102 7.91 11.20 15.91
C ILE A 102 8.46 9.93 16.55
N THR A 103 7.64 9.29 17.39
CA THR A 103 8.09 8.19 18.22
C THR A 103 7.54 6.87 17.72
N ASN A 104 8.39 5.84 17.71
CA ASN A 104 7.99 4.47 17.40
C ASN A 104 8.52 3.56 18.50
N THR A 105 7.65 2.70 19.02
CA THR A 105 8.02 1.80 20.11
C THR A 105 8.64 0.53 19.55
N ALA A 106 9.76 0.12 20.14
CA ALA A 106 10.46 -1.08 19.68
C ALA A 106 9.65 -2.32 20.00
N ALA A 107 9.51 -3.20 19.01
CA ALA A 107 8.79 -4.45 19.21
C ALA A 107 9.65 -5.45 19.99
N LEU A 108 8.98 -6.34 20.70
CA LEU A 108 9.66 -7.35 21.51
C LEU A 108 10.27 -8.43 20.63
N GLU B 7 8.72 -34.14 7.86
CA GLU B 7 9.54 -33.09 8.46
C GLU B 7 9.22 -31.74 7.83
N PRO B 8 9.43 -30.65 8.59
CA PRO B 8 9.22 -29.32 8.03
C PRO B 8 10.19 -29.01 6.89
N LYS B 9 9.67 -28.96 5.66
CA LYS B 9 10.51 -28.70 4.51
C LYS B 9 10.92 -27.22 4.48
N VAL B 10 12.22 -26.97 4.49
CA VAL B 10 12.77 -25.62 4.46
C VAL B 10 13.14 -25.29 3.02
N TYR B 11 12.55 -24.21 2.50
CA TYR B 11 12.77 -23.79 1.13
C TYR B 11 13.75 -22.61 1.09
N ALA B 12 14.62 -22.61 0.08
CA ALA B 12 15.59 -21.55 -0.06
C ALA B 12 14.94 -20.30 -0.63
N PRO B 13 15.38 -19.11 -0.20
CA PRO B 13 14.82 -17.86 -0.72
C PRO B 13 15.37 -17.52 -2.09
N VAL B 14 14.60 -16.71 -2.81
CA VAL B 14 14.95 -16.27 -4.15
C VAL B 14 14.98 -14.74 -4.18
N THR B 15 15.85 -14.21 -5.03
CA THR B 15 15.98 -12.77 -5.22
C THR B 15 15.66 -12.46 -6.68
N THR B 16 14.70 -11.57 -6.89
CA THR B 16 14.26 -11.25 -8.25
C THR B 16 15.37 -10.53 -9.00
N GLY B 17 15.54 -10.89 -10.27
CA GLY B 17 16.52 -10.29 -11.14
C GLY B 17 15.94 -9.19 -12.00
N ALA B 18 16.66 -8.88 -13.08
CA ALA B 18 16.22 -7.81 -13.97
C ALA B 18 14.88 -8.14 -14.62
N ASP B 19 14.57 -9.42 -14.80
CA ASP B 19 13.28 -9.82 -15.35
C ASP B 19 12.15 -9.72 -14.33
N GLY B 20 12.46 -9.59 -13.05
CA GLY B 20 11.45 -9.48 -12.02
C GLY B 20 10.69 -10.75 -11.71
N LYS B 21 11.01 -11.86 -12.34
CA LYS B 21 10.28 -13.10 -12.15
C LYS B 21 10.72 -13.78 -10.85
N LEU B 22 9.79 -14.51 -10.24
CA LEU B 22 10.05 -15.27 -9.02
C LEU B 22 10.20 -16.74 -9.37
N SER B 23 11.22 -17.38 -8.80
CA SER B 23 11.51 -18.78 -9.07
C SER B 23 10.91 -19.65 -7.97
N LEU B 24 9.59 -19.70 -7.97
CA LEU B 24 8.85 -20.53 -7.03
C LEU B 24 8.64 -21.91 -7.62
N SER B 25 9.04 -22.94 -6.88
CA SER B 25 9.00 -24.30 -7.40
C SER B 25 8.77 -25.30 -6.26
N VAL B 26 7.75 -25.04 -5.44
CA VAL B 26 7.44 -25.95 -4.34
C VAL B 26 6.76 -27.19 -4.90
N GLY B 27 7.43 -28.34 -4.77
CA GLY B 27 6.89 -29.61 -5.25
C GLY B 27 6.38 -29.56 -6.67
N GLY B 28 5.10 -29.88 -6.84
CA GLY B 28 4.42 -29.70 -8.11
C GLY B 28 3.60 -28.44 -8.19
N TYR B 29 3.58 -27.64 -7.12
CA TYR B 29 2.78 -26.44 -7.05
C TYR B 29 3.50 -25.25 -7.67
N LYS B 30 4.37 -25.53 -8.65
CA LYS B 30 5.25 -24.49 -9.18
C LYS B 30 4.44 -23.36 -9.81
N LYS B 31 4.72 -22.13 -9.38
CA LYS B 31 3.98 -20.96 -9.83
C LYS B 31 4.95 -19.84 -10.16
N THR B 32 4.51 -18.93 -11.02
CA THR B 32 5.34 -17.84 -11.52
C THR B 32 4.74 -16.49 -11.11
N PHE B 33 5.53 -15.69 -10.41
CA PHE B 33 5.19 -14.32 -10.08
C PHE B 33 6.22 -13.38 -10.68
N THR B 34 5.81 -12.14 -10.92
CA THR B 34 6.67 -11.13 -11.52
C THR B 34 6.58 -9.85 -10.70
N LYS B 35 7.69 -9.46 -10.09
CA LYS B 35 7.75 -8.24 -9.28
C LYS B 35 7.93 -7.04 -10.20
N VAL B 36 6.91 -6.16 -10.23
CA VAL B 36 6.89 -5.02 -11.14
C VAL B 36 6.57 -3.76 -10.36
N ASP B 37 6.82 -2.62 -11.01
CA ASP B 37 6.43 -1.32 -10.47
C ASP B 37 4.92 -1.15 -10.60
N ALA B 38 4.30 -0.55 -9.58
CA ALA B 38 2.85 -0.37 -9.60
C ALA B 38 2.43 0.65 -10.64
N ALA B 39 3.29 1.62 -10.95
CA ALA B 39 2.97 2.69 -11.90
C ALA B 39 3.53 2.39 -13.29
N THR B 40 4.85 2.30 -13.43
CA THR B 40 5.47 2.09 -14.72
C THR B 40 5.33 0.66 -15.24
N LYS B 41 4.92 -0.27 -14.38
CA LYS B 41 4.73 -1.68 -14.77
C LYS B 41 6.01 -2.29 -15.33
N ALA B 42 7.16 -1.87 -14.81
CA ALA B 42 8.47 -2.35 -15.23
C ALA B 42 9.00 -3.37 -14.23
N PRO B 43 9.68 -4.41 -14.72
CA PRO B 43 10.22 -5.44 -13.80
C PRO B 43 11.21 -4.84 -12.82
N LEU B 44 11.16 -5.34 -11.57
CA LEU B 44 12.01 -4.86 -10.50
C LEU B 44 12.93 -5.97 -10.01
N ALA B 45 14.12 -5.58 -9.59
CA ALA B 45 15.11 -6.52 -9.08
C ALA B 45 15.40 -6.21 -7.62
N GLY B 46 15.91 -7.22 -6.91
CA GLY B 46 16.30 -7.09 -5.52
C GLY B 46 15.26 -7.52 -4.52
N ALA B 47 14.03 -7.75 -4.95
CA ALA B 47 12.97 -8.16 -4.04
C ALA B 47 13.23 -9.58 -3.54
N VAL B 48 13.40 -9.73 -2.23
CA VAL B 48 13.73 -11.01 -1.61
C VAL B 48 12.45 -11.67 -1.14
N PHE B 49 12.17 -12.85 -1.66
CA PHE B 49 11.00 -13.64 -1.28
C PHE B 49 11.46 -14.98 -0.71
N GLN B 50 10.56 -15.61 0.05
CA GLN B 50 10.81 -16.96 0.55
C GLN B 50 9.48 -17.60 0.88
N VAL B 51 9.37 -18.90 0.61
CA VAL B 51 8.18 -19.69 0.90
C VAL B 51 8.50 -20.62 2.06
N VAL B 52 7.64 -20.61 3.08
CA VAL B 52 7.80 -21.46 4.27
C VAL B 52 6.50 -22.20 4.53
N GLU B 53 6.60 -23.22 5.37
CA GLU B 53 5.46 -24.04 5.74
C GLU B 53 5.42 -24.23 7.24
N LYS B 54 4.22 -24.10 7.83
CA LYS B 54 4.01 -24.29 9.26
C LYS B 54 2.65 -24.92 9.45
N ASP B 55 2.61 -26.15 9.94
CA ASP B 55 1.37 -26.88 10.21
C ASP B 55 0.54 -27.05 8.94
N GLY B 56 1.21 -27.45 7.86
CA GLY B 56 0.54 -27.73 6.61
C GLY B 56 -0.09 -26.53 5.94
N ASP B 57 0.61 -25.40 5.90
CA ASP B 57 0.10 -24.18 5.26
C ASP B 57 1.26 -23.54 4.51
N ILE B 58 1.28 -23.73 3.19
CA ILE B 58 2.33 -23.18 2.34
C ILE B 58 2.01 -21.71 2.08
N THR B 59 2.90 -20.83 2.54
CA THR B 59 2.71 -19.38 2.40
C THR B 59 3.94 -18.77 1.76
N LEU B 60 3.72 -17.69 1.00
CA LEU B 60 4.78 -16.96 0.32
C LEU B 60 5.01 -15.64 1.04
N TYR B 61 6.22 -15.45 1.57
CA TYR B 61 6.59 -14.23 2.27
C TYR B 61 7.53 -13.38 1.41
N GLU B 62 7.49 -12.07 1.64
CA GLU B 62 8.43 -11.13 1.03
C GLU B 62 9.32 -10.58 2.13
N LEU B 63 10.60 -10.94 2.08
CA LEU B 63 11.53 -10.54 3.13
C LEU B 63 12.08 -9.13 2.91
N SER B 64 12.12 -8.67 1.66
CA SER B 64 12.67 -7.36 1.36
C SER B 64 12.09 -6.85 0.05
N SER B 65 11.75 -5.57 0.02
CA SER B 65 11.24 -4.91 -1.17
C SER B 65 12.39 -4.37 -2.02
N PRO B 66 12.16 -4.11 -3.31
CA PRO B 66 13.22 -3.55 -4.15
C PRO B 66 13.64 -2.17 -3.66
N ALA B 67 14.83 -1.77 -4.08
CA ALA B 67 15.39 -0.49 -3.67
C ALA B 67 14.54 0.65 -4.21
N GLY B 68 14.34 1.67 -3.37
CA GLY B 68 13.55 2.83 -3.76
C GLY B 68 12.06 2.66 -3.64
N TYR B 69 11.59 1.55 -3.09
CA TYR B 69 10.16 1.28 -2.95
C TYR B 69 9.82 1.14 -1.47
N VAL B 70 8.52 1.04 -1.20
CA VAL B 70 8.03 1.02 0.18
C VAL B 70 8.63 -0.18 0.91
N PRO B 71 9.21 0.00 2.09
CA PRO B 71 9.88 -1.11 2.78
C PRO B 71 8.89 -2.20 3.16
N VAL B 72 9.41 -3.43 3.22
CA VAL B 72 8.61 -4.61 3.53
C VAL B 72 9.49 -5.60 4.29
N THR B 73 9.01 -6.06 5.44
CA THR B 73 9.75 -7.00 6.29
C THR B 73 8.81 -8.12 6.72
N ASN B 74 9.06 -9.33 6.22
CA ASN B 74 8.29 -10.52 6.57
C ASN B 74 6.79 -10.30 6.32
N LYS B 75 6.48 -9.98 5.07
CA LYS B 75 5.10 -9.68 4.68
C LYS B 75 4.50 -10.87 3.97
N PRO B 76 3.44 -11.50 4.51
CA PRO B 76 2.78 -12.57 3.77
C PRO B 76 2.09 -12.03 2.54
N ILE B 77 2.24 -12.76 1.43
CA ILE B 77 1.76 -12.30 0.14
C ILE B 77 0.69 -13.23 -0.41
N TYR B 78 1.05 -14.51 -0.56
CA TYR B 78 0.18 -15.47 -1.23
C TYR B 78 0.14 -16.78 -0.44
N ASN B 79 -1.05 -17.37 -0.35
CA ASN B 79 -1.22 -18.68 0.27
C ASN B 79 -1.17 -19.73 -0.84
N ILE B 80 -0.06 -20.47 -0.90
CA ILE B 80 0.13 -21.42 -1.98
C ILE B 80 -0.80 -22.62 -1.82
N SER B 81 -1.11 -23.01 -0.58
CA SER B 81 -1.97 -24.16 -0.35
C SER B 81 -3.38 -23.91 -0.88
N THR B 82 -3.94 -22.75 -0.57
CA THR B 82 -5.29 -22.40 -1.01
C THR B 82 -5.31 -21.76 -2.39
N GLY B 83 -4.17 -21.36 -2.92
CA GLY B 83 -4.16 -20.64 -4.19
C GLY B 83 -4.85 -19.30 -4.10
N GLU B 84 -4.66 -18.60 -2.98
CA GLU B 84 -5.39 -17.37 -2.70
C GLU B 84 -4.45 -16.38 -2.02
N ALA B 85 -4.46 -15.14 -2.48
CA ALA B 85 -3.61 -14.12 -1.90
C ALA B 85 -4.20 -13.62 -0.58
N PHE B 86 -3.32 -13.29 0.36
CA PHE B 86 -3.75 -12.75 1.64
C PHE B 86 -4.40 -11.39 1.43
N ASP B 87 -5.46 -11.13 2.20
CA ASP B 87 -6.22 -9.90 2.02
C ASP B 87 -5.39 -8.66 2.33
N SER B 88 -4.46 -8.78 3.29
CA SER B 88 -3.61 -7.63 3.63
C SER B 88 -2.68 -7.27 2.49
N ALA B 89 -2.32 -8.24 1.64
CA ALA B 89 -1.49 -8.01 0.48
C ALA B 89 -2.25 -8.19 -0.83
N ALA B 90 -3.59 -8.27 -0.77
CA ALA B 90 -4.37 -8.52 -1.97
C ALA B 90 -4.29 -7.36 -2.95
N ALA B 91 -4.08 -6.14 -2.47
CA ALA B 91 -4.01 -4.98 -3.34
C ALA B 91 -2.75 -4.96 -4.21
N SER B 92 -1.76 -5.81 -3.92
CA SER B 92 -0.53 -5.85 -4.68
C SER B 92 -0.41 -7.06 -5.60
N VAL B 93 -1.34 -8.01 -5.51
CA VAL B 93 -1.32 -9.21 -6.34
C VAL B 93 -2.30 -9.02 -7.48
N VAL B 94 -1.79 -8.97 -8.71
CA VAL B 94 -2.59 -8.70 -9.89
C VAL B 94 -2.39 -9.84 -10.89
N LYS B 95 -3.50 -10.29 -11.49
CA LYS B 95 -3.49 -11.30 -12.53
C LYS B 95 -3.89 -10.64 -13.84
N GLU B 96 -2.98 -10.67 -14.83
N GLU B 96 -2.99 -10.68 -14.83
CA GLU B 96 -3.21 -9.98 -16.09
CA GLU B 96 -3.19 -9.98 -16.09
C GLU B 96 -3.43 -11.03 -17.17
C GLU B 96 -3.42 -11.02 -17.17
N ASP B 97 -2.41 -11.41 -17.94
CA ASP B 97 -2.57 -12.39 -19.02
C ASP B 97 -2.14 -13.77 -18.53
N GLY B 98 -2.98 -14.35 -17.66
CA GLY B 98 -2.72 -15.65 -17.10
C GLY B 98 -1.60 -15.71 -16.07
N GLN B 99 -0.78 -14.67 -15.98
CA GLN B 99 0.32 -14.61 -15.02
C GLN B 99 -0.08 -13.74 -13.83
N TYR B 100 0.65 -13.92 -12.74
CA TYR B 100 0.44 -13.14 -11.52
C TYR B 100 1.57 -12.13 -11.35
N TYR B 101 1.21 -10.91 -10.98
CA TYR B 101 2.15 -9.82 -10.83
C TYR B 101 2.07 -9.24 -9.42
N ILE B 102 3.23 -8.94 -8.85
CA ILE B 102 3.34 -8.31 -7.53
C ILE B 102 3.81 -6.88 -7.75
N THR B 103 2.95 -5.92 -7.42
CA THR B 103 3.23 -4.51 -7.68
C THR B 103 3.85 -3.84 -6.45
N ASN B 104 4.63 -2.80 -6.72
CA ASN B 104 5.29 -2.03 -5.67
C ASN B 104 5.26 -0.55 -6.03
N THR B 105 5.00 0.29 -5.04
CA THR B 105 4.91 1.74 -5.24
C THR B 105 6.22 2.39 -4.83
N ALA B 106 6.73 3.28 -5.68
CA ALA B 106 7.97 3.98 -5.39
C ALA B 106 7.81 4.88 -4.17
N ALA B 107 8.82 4.90 -3.32
CA ALA B 107 8.82 5.70 -2.10
C ALA B 107 9.83 6.83 -2.22
N LEU B 108 9.39 8.05 -1.97
CA LEU B 108 10.24 9.23 -2.07
C LEU B 108 10.93 9.50 -0.74
N ALA B 109 12.00 10.28 -0.80
CA ALA B 109 12.75 10.65 0.39
C ALA B 109 11.92 11.57 1.28
N ALA B 110 12.32 11.65 2.55
CA ALA B 110 11.61 12.45 3.54
C ALA B 110 12.29 13.77 3.85
N ALA B 111 13.62 13.79 3.87
CA ALA B 111 14.37 15.01 4.19
C ALA B 111 14.26 16.02 3.04
N PRO C 8 -1.86 11.49 -21.79
CA PRO C 8 -2.55 10.38 -21.11
C PRO C 8 -3.80 10.83 -20.37
N LYS C 9 -4.48 11.85 -20.90
CA LYS C 9 -5.71 12.38 -20.32
C LYS C 9 -5.50 12.93 -18.92
N VAL C 10 -6.56 13.45 -18.30
CA VAL C 10 -6.50 13.99 -16.94
C VAL C 10 -7.79 13.58 -16.23
N TYR C 11 -7.65 12.87 -15.11
CA TYR C 11 -8.77 12.52 -14.25
C TYR C 11 -8.46 12.89 -12.82
N ALA C 12 -9.52 13.20 -12.04
CA ALA C 12 -9.39 13.72 -10.69
C ALA C 12 -9.68 12.63 -9.65
N PRO C 13 -9.08 12.74 -8.47
CA PRO C 13 -9.32 11.73 -7.43
C PRO C 13 -10.72 11.84 -6.84
N VAL C 14 -11.25 10.70 -6.40
CA VAL C 14 -12.58 10.60 -5.82
C VAL C 14 -12.47 9.89 -4.48
N THR C 15 -13.34 10.27 -3.54
CA THR C 15 -13.38 9.70 -2.21
C THR C 15 -14.65 8.87 -2.03
N THR C 16 -14.49 7.70 -1.40
CA THR C 16 -15.63 6.84 -1.12
C THR C 16 -16.42 7.37 0.07
N GLY C 17 -17.74 7.27 -0.02
CA GLY C 17 -18.63 7.71 1.02
C GLY C 17 -19.18 6.55 1.84
N ALA C 18 -20.31 6.81 2.51
CA ALA C 18 -20.95 5.76 3.29
C ALA C 18 -21.44 4.62 2.40
N ASP C 19 -21.73 4.91 1.14
CA ASP C 19 -22.11 3.87 0.19
C ASP C 19 -20.89 3.18 -0.41
N GLY C 20 -19.76 3.89 -0.52
CA GLY C 20 -18.55 3.31 -1.06
C GLY C 20 -18.66 2.93 -2.52
N LYS C 21 -19.54 3.61 -3.27
CA LYS C 21 -19.78 3.26 -4.66
C LYS C 21 -18.72 3.91 -5.56
N LEU C 22 -18.13 3.10 -6.44
CA LEU C 22 -17.14 3.56 -7.40
C LEU C 22 -17.63 3.20 -8.80
N SER C 23 -17.63 4.18 -9.70
CA SER C 23 -18.08 3.98 -11.07
C SER C 23 -16.94 4.33 -12.02
N LEU C 24 -16.49 3.34 -12.79
CA LEU C 24 -15.44 3.54 -13.78
C LEU C 24 -16.08 3.81 -15.16
N SER C 25 -16.69 4.98 -15.26
CA SER C 25 -17.40 5.38 -16.47
C SER C 25 -16.47 6.26 -17.31
N VAL C 26 -15.64 5.58 -18.11
CA VAL C 26 -14.68 6.23 -18.99
C VAL C 26 -14.98 5.78 -20.42
N GLY C 27 -15.24 6.74 -21.30
CA GLY C 27 -15.55 6.43 -22.68
C GLY C 27 -16.83 5.65 -22.84
N GLY C 28 -16.72 4.38 -23.22
CA GLY C 28 -17.89 3.53 -23.38
C GLY C 28 -17.89 2.35 -22.43
N TYR C 29 -16.71 1.97 -21.96
CA TYR C 29 -16.57 0.85 -21.03
C TYR C 29 -16.83 1.34 -19.61
N LYS C 30 -17.80 0.71 -18.93
CA LYS C 30 -18.22 1.14 -17.60
C LYS C 30 -18.25 -0.05 -16.66
N LYS C 31 -17.67 0.12 -15.48
CA LYS C 31 -17.71 -0.88 -14.42
C LYS C 31 -18.02 -0.19 -13.10
N THR C 32 -18.70 -0.91 -12.21
CA THR C 32 -19.10 -0.39 -10.91
C THR C 32 -18.49 -1.24 -9.80
N PHE C 33 -18.12 -0.58 -8.71
CA PHE C 33 -17.51 -1.25 -7.57
C PHE C 33 -18.07 -0.68 -6.28
N THR C 34 -17.92 -1.43 -5.21
CA THR C 34 -18.34 -1.01 -3.87
C THR C 34 -17.21 -1.32 -2.89
N LYS C 35 -16.56 -0.28 -2.38
CA LYS C 35 -15.46 -0.44 -1.44
C LYS C 35 -16.00 -0.97 -0.11
N VAL C 36 -15.62 -2.19 0.24
CA VAL C 36 -16.14 -2.87 1.43
C VAL C 36 -14.96 -3.36 2.28
N ASP C 37 -15.30 -3.88 3.46
CA ASP C 37 -14.31 -4.45 4.36
C ASP C 37 -13.99 -5.88 3.95
N ALA C 38 -12.76 -6.30 4.23
CA ALA C 38 -12.30 -7.64 3.89
C ALA C 38 -12.85 -8.72 4.82
N ALA C 39 -13.53 -8.34 5.90
CA ALA C 39 -14.06 -9.29 6.87
C ALA C 39 -15.56 -9.19 7.06
N THR C 40 -16.11 -7.98 7.14
CA THR C 40 -17.53 -7.78 7.38
C THR C 40 -18.31 -7.42 6.13
N LYS C 41 -17.62 -7.16 5.01
CA LYS C 41 -18.26 -6.69 3.77
C LYS C 41 -19.09 -5.43 4.02
N ALA C 42 -18.64 -4.59 4.95
CA ALA C 42 -19.34 -3.36 5.24
C ALA C 42 -18.81 -2.23 4.35
N PRO C 43 -19.70 -1.39 3.83
CA PRO C 43 -19.25 -0.29 2.95
C PRO C 43 -18.30 0.64 3.67
N LEU C 44 -17.10 0.79 3.10
CA LEU C 44 -16.06 1.61 3.69
C LEU C 44 -16.14 3.05 3.20
N ALA C 45 -15.57 3.95 3.98
CA ALA C 45 -15.52 5.37 3.65
C ALA C 45 -14.14 5.92 4.01
N GLY C 46 -13.59 6.75 3.14
CA GLY C 46 -12.29 7.37 3.34
C GLY C 46 -11.26 6.99 2.31
N ALA C 47 -11.49 5.95 1.51
CA ALA C 47 -10.55 5.57 0.48
C ALA C 47 -10.60 6.56 -0.68
N VAL C 48 -9.44 6.76 -1.31
CA VAL C 48 -9.29 7.69 -2.43
C VAL C 48 -8.85 6.89 -3.65
N PHE C 49 -9.55 7.11 -4.77
CA PHE C 49 -9.25 6.42 -6.02
C PHE C 49 -9.09 7.45 -7.14
N GLN C 50 -8.37 7.04 -8.18
CA GLN C 50 -8.17 7.89 -9.35
C GLN C 50 -8.13 7.02 -10.60
N VAL C 51 -8.49 7.62 -11.73
CA VAL C 51 -8.55 6.92 -13.01
C VAL C 51 -7.41 7.43 -13.90
N VAL C 52 -6.77 6.51 -14.61
CA VAL C 52 -5.70 6.84 -15.54
C VAL C 52 -5.89 6.03 -16.81
N GLU C 53 -5.80 6.69 -17.96
CA GLU C 53 -5.87 6.05 -19.26
C GLU C 53 -4.51 6.14 -19.93
N LYS C 54 -3.98 4.99 -20.35
CA LYS C 54 -2.68 4.92 -21.01
C LYS C 54 -2.75 3.86 -22.10
N ASP C 55 -2.64 4.31 -23.36
CA ASP C 55 -2.65 3.43 -24.52
C ASP C 55 -3.91 2.56 -24.56
N GLY C 56 -5.06 3.21 -24.38
CA GLY C 56 -6.33 2.52 -24.46
C GLY C 56 -6.62 1.59 -23.31
N ASP C 57 -5.92 1.73 -22.19
CA ASP C 57 -6.16 0.91 -21.01
C ASP C 57 -6.59 1.84 -19.86
N ILE C 58 -7.84 1.70 -19.45
CA ILE C 58 -8.39 2.48 -18.34
C ILE C 58 -8.11 1.71 -17.05
N THR C 59 -7.35 2.30 -16.14
CA THR C 59 -6.92 1.64 -14.92
C THR C 59 -7.42 2.41 -13.71
N LEU C 60 -7.93 1.68 -12.72
CA LEU C 60 -8.42 2.25 -11.48
C LEU C 60 -7.37 2.02 -10.40
N TYR C 61 -6.76 3.10 -9.91
CA TYR C 61 -5.77 3.04 -8.85
C TYR C 61 -6.38 3.43 -7.53
N GLU C 62 -5.87 2.83 -6.45
CA GLU C 62 -6.26 3.20 -5.09
C GLU C 62 -5.16 4.05 -4.50
N LEU C 63 -5.41 5.36 -4.40
CA LEU C 63 -4.39 6.27 -3.91
C LEU C 63 -4.14 6.08 -2.42
N SER C 64 -5.20 5.83 -1.65
CA SER C 64 -5.06 5.67 -0.21
C SER C 64 -6.23 4.84 0.32
N SER C 65 -5.95 4.02 1.31
CA SER C 65 -6.97 3.23 1.99
C SER C 65 -7.52 4.01 3.17
N PRO C 66 -8.72 3.66 3.64
CA PRO C 66 -9.29 4.35 4.80
C PRO C 66 -8.41 4.18 6.04
N ALA C 67 -8.47 5.17 6.92
CA ALA C 67 -7.68 5.13 8.14
C ALA C 67 -8.07 3.94 9.00
N GLY C 68 -7.08 3.33 9.65
CA GLY C 68 -7.29 2.12 10.40
C GLY C 68 -7.26 0.85 9.58
N TYR C 69 -7.02 0.95 8.27
CA TYR C 69 -6.91 -0.21 7.39
C TYR C 69 -5.50 -0.30 6.84
N VAL C 70 -5.21 -1.43 6.21
CA VAL C 70 -3.85 -1.64 5.67
C VAL C 70 -3.59 -0.60 4.58
N PRO C 71 -2.39 -0.02 4.50
CA PRO C 71 -2.16 1.04 3.52
C PRO C 71 -2.08 0.48 2.11
N VAL C 72 -2.86 1.09 1.21
CA VAL C 72 -2.83 0.79 -0.22
C VAL C 72 -2.43 2.09 -0.91
N THR C 73 -1.25 2.10 -1.53
CA THR C 73 -0.66 3.32 -2.06
C THR C 73 -0.39 3.16 -3.55
N ASN C 74 -1.19 3.85 -4.38
CA ASN C 74 -0.99 3.89 -5.82
C ASN C 74 -0.90 2.49 -6.42
N LYS C 75 -1.87 1.65 -6.08
CA LYS C 75 -1.92 0.29 -6.57
C LYS C 75 -3.03 0.14 -7.59
N PRO C 76 -2.72 -0.39 -8.78
CA PRO C 76 -3.79 -0.64 -9.77
C PRO C 76 -4.70 -1.76 -9.29
N ILE C 77 -5.97 -1.42 -9.10
CA ILE C 77 -6.97 -2.35 -8.58
C ILE C 77 -7.73 -3.03 -9.71
N TYR C 78 -8.20 -2.26 -10.70
CA TYR C 78 -8.92 -2.81 -11.83
C TYR C 78 -8.47 -2.08 -13.09
N ASN C 79 -8.34 -2.84 -14.19
CA ASN C 79 -7.91 -2.29 -15.46
C ASN C 79 -8.84 -2.78 -16.56
N ILE C 80 -9.41 -1.84 -17.31
CA ILE C 80 -10.24 -2.16 -18.47
C ILE C 80 -9.35 -2.12 -19.71
N SER C 81 -9.34 -3.22 -20.47
CA SER C 81 -8.54 -3.32 -21.68
C SER C 81 -9.46 -3.18 -22.89
N THR C 82 -9.30 -2.10 -23.64
CA THR C 82 -10.09 -1.85 -24.84
C THR C 82 -9.61 -2.68 -26.03
N GLY C 83 -8.65 -3.57 -25.85
CA GLY C 83 -8.16 -4.40 -26.93
C GLY C 83 -8.48 -5.88 -26.74
N GLU C 84 -7.59 -6.74 -27.21
CA GLU C 84 -7.84 -8.18 -27.12
C GLU C 84 -7.61 -8.70 -25.71
N ALA C 85 -6.84 -8.01 -24.89
CA ALA C 85 -6.56 -8.46 -23.53
C ALA C 85 -7.82 -8.35 -22.67
N PHE C 86 -7.92 -9.27 -21.71
CA PHE C 86 -9.05 -9.25 -20.79
C PHE C 86 -8.78 -8.27 -19.65
N ASP C 87 -9.85 -7.88 -18.97
CA ASP C 87 -9.74 -6.92 -17.88
C ASP C 87 -8.99 -7.55 -16.71
N SER C 88 -7.86 -6.95 -16.34
CA SER C 88 -7.05 -7.42 -15.23
C SER C 88 -7.48 -6.71 -13.95
N ALA C 89 -7.44 -7.45 -12.83
CA ALA C 89 -7.86 -6.91 -11.56
C ALA C 89 -6.95 -7.44 -10.46
N ALA C 90 -6.80 -6.64 -9.41
CA ALA C 90 -6.03 -7.06 -8.24
C ALA C 90 -6.83 -8.08 -7.44
N ALA C 91 -6.15 -8.70 -6.47
CA ALA C 91 -6.80 -9.70 -5.62
C ALA C 91 -7.82 -9.07 -4.68
N SER C 92 -7.83 -7.75 -4.54
CA SER C 92 -8.82 -7.09 -3.71
C SER C 92 -10.20 -7.06 -4.35
N VAL C 93 -10.32 -7.43 -5.61
CA VAL C 93 -11.61 -7.43 -6.31
C VAL C 93 -12.25 -8.80 -6.14
N VAL C 94 -13.43 -8.83 -5.52
CA VAL C 94 -14.18 -10.05 -5.28
C VAL C 94 -15.54 -9.93 -5.95
N LYS C 95 -16.01 -11.03 -6.55
CA LYS C 95 -17.29 -11.06 -7.23
C LYS C 95 -18.26 -11.91 -6.42
N GLU C 96 -19.39 -11.31 -6.04
CA GLU C 96 -20.40 -12.01 -5.26
C GLU C 96 -21.73 -11.32 -5.48
N ASP C 97 -22.80 -12.12 -5.60
CA ASP C 97 -24.15 -11.62 -5.84
C ASP C 97 -24.23 -10.76 -7.10
N GLY C 98 -23.43 -11.09 -8.10
CA GLY C 98 -23.40 -10.30 -9.32
C GLY C 98 -22.87 -8.90 -9.13
N GLN C 99 -22.05 -8.67 -8.11
CA GLN C 99 -21.52 -7.36 -7.80
C GLN C 99 -20.01 -7.45 -7.65
N TYR C 100 -19.35 -6.30 -7.74
CA TYR C 100 -17.91 -6.20 -7.57
C TYR C 100 -17.60 -5.53 -6.24
N TYR C 101 -16.67 -6.12 -5.50
CA TYR C 101 -16.30 -5.66 -4.17
C TYR C 101 -14.82 -5.31 -4.14
N ILE C 102 -14.49 -4.14 -3.62
CA ILE C 102 -13.11 -3.73 -3.38
C ILE C 102 -12.86 -3.85 -1.88
N THR C 103 -12.00 -4.77 -1.49
CA THR C 103 -11.77 -5.09 -0.09
C THR C 103 -10.55 -4.36 0.44
N ASN C 104 -10.66 -3.87 1.68
CA ASN C 104 -9.55 -3.27 2.40
C ASN C 104 -9.46 -3.92 3.78
N THR C 105 -8.30 -4.47 4.10
CA THR C 105 -8.12 -5.21 5.34
C THR C 105 -7.91 -4.24 6.51
N ALA C 106 -8.61 -4.48 7.61
CA ALA C 106 -8.48 -3.64 8.79
C ALA C 106 -7.11 -3.86 9.44
N ALA C 107 -6.78 -2.96 10.37
CA ALA C 107 -5.50 -3.03 11.06
C ALA C 107 -5.43 -4.29 11.91
N LEU C 108 -4.20 -4.69 12.24
CA LEU C 108 -4.00 -5.85 13.10
C LEU C 108 -4.52 -5.60 14.51
N ALA C 109 -4.45 -4.36 14.98
CA ALA C 109 -4.95 -4.02 16.30
C ALA C 109 -5.90 -2.81 16.23
#